data_5UVI
#
_entry.id   5UVI
#
_cell.length_a   40.300
_cell.length_b   180.300
_cell.length_c   142.600
_cell.angle_alpha   90.00
_cell.angle_beta   90.00
_cell.angle_gamma   90.00
#
_symmetry.space_group_name_H-M   'C 2 2 21'
#
loop_
_entity.id
_entity.type
_entity.pdbx_description
1 polymer 'Adenosine receptor A2a,Soluble cytochrome b562,Adenosine receptor A2a'
2 non-polymer 4-{2-[(7-amino-2-furan-2-yl[1,2,4]triazolo[1,5-a][1,3,5]triazin-5-yl)amino]ethyl}phenol
3 non-polymer CHOLESTEROL
4 non-polymer '(2R)-2,3-dihydroxypropyl (9Z)-octadec-9-enoate'
5 non-polymer 'OLEIC ACID'
#
_entity_poly.entity_id   1
_entity_poly.type   'polypeptide(L)'
_entity_poly.pdbx_seq_one_letter_code
;MKTIIALSYIFCLVFADYKDDDDGAPPIMGSSVYITVELAIAVLAILGNVLVCWAVWLNSNLQNVTNYFVVSLAAADIAV
GVLAIPFAITISTGFCAACHGCLFIACFVLVLTQSSIFSLLAIAIDRYIAIRIPLRYNGLVTGTRAKGIIAICWVLSFAI
GLTPMLGWNNCGQPKEGKNHSQGCGEGQVACLFEDVVPMNYMVYFNFFACVLVPLLLMLGVYLRIFLAARRQLADLEDNW
ETLNDNLKVIEKADNAAQVKDALTKMRAAALDAQKATPPKLEDKSPDSPEMKDFRHGFDILVGQIDDALKLANEGKVKEA
QAAAEQLKTTRNAYIQKYLERARSTLQKEVHAAKSLAIIVGLFALCWLPLHIINCFTFFCPDCSHAPLWLMYLAIVLSHT
NSVVNPFIYAYRIREFRQTFRKIIRSHVLRQQEPFKAHHHHHHHHHH
;
_entity_poly.pdbx_strand_id   A
#
loop_
_chem_comp.id
_chem_comp.type
_chem_comp.name
_chem_comp.formula
CLR non-polymer CHOLESTEROL 'C27 H46 O'
OLA non-polymer 'OLEIC ACID' 'C18 H34 O2'
OLC non-polymer '(2R)-2,3-dihydroxypropyl (9Z)-octadec-9-enoate' 'C21 H40 O4'
ZMA non-polymer 4-{2-[(7-amino-2-furan-2-yl[1,2,4]triazolo[1,5-a][1,3,5]triazin-5-yl)amino]ethyl}phenol 'C16 H15 N7 O2'
#
# COMPACT_ATOMS: atom_id res chain seq x y z
N ASP A 23 25.57 -37.02 -14.20
CA ASP A 23 26.93 -36.40 -14.33
C ASP A 23 27.09 -35.66 -15.70
N GLY A 24 26.30 -34.59 -15.84
CA GLY A 24 26.17 -33.79 -17.08
C GLY A 24 26.89 -32.45 -17.02
N ALA A 25 26.17 -31.36 -17.31
CA ALA A 25 26.78 -30.01 -17.37
C ALA A 25 27.43 -29.65 -16.02
N PRO A 26 28.62 -29.03 -16.03
CA PRO A 26 29.22 -28.62 -14.76
C PRO A 26 28.34 -27.59 -14.04
N PRO A 27 28.11 -27.79 -12.74
CA PRO A 27 27.23 -26.85 -12.03
C PRO A 27 27.70 -25.39 -12.02
N ILE A 28 28.99 -25.13 -12.20
CA ILE A 28 29.50 -23.76 -12.23
C ILE A 28 28.91 -22.90 -13.37
N MET A 29 28.47 -23.55 -14.46
CA MET A 29 27.93 -22.82 -15.61
C MET A 29 26.58 -22.23 -15.27
N GLY A 30 25.68 -23.06 -14.76
CA GLY A 30 24.41 -22.56 -14.24
C GLY A 30 24.58 -21.51 -13.13
N SER A 31 25.52 -21.77 -12.23
CA SER A 31 25.82 -20.87 -11.13
C SER A 31 26.23 -19.48 -11.61
N SER A 32 27.02 -19.44 -12.68
CA SER A 32 27.52 -18.17 -13.21
C SER A 32 26.40 -17.26 -13.67
N VAL A 33 25.40 -17.84 -14.31
CA VAL A 33 24.25 -17.07 -14.77
C VAL A 33 23.48 -16.55 -13.58
N TYR A 34 23.21 -17.43 -12.62
CA TYR A 34 22.43 -17.09 -11.43
C TYR A 34 23.11 -15.97 -10.63
N ILE A 35 24.40 -16.10 -10.37
CA ILE A 35 25.13 -15.11 -9.57
C ILE A 35 25.16 -13.75 -10.27
N THR A 36 25.44 -13.77 -11.57
CA THR A 36 25.49 -12.54 -12.37
C THR A 36 24.15 -11.82 -12.34
N VAL A 37 23.05 -12.56 -12.51
CA VAL A 37 21.71 -11.99 -12.48
C VAL A 37 21.41 -11.40 -11.10
N GLU A 38 21.75 -12.16 -10.05
CA GLU A 38 21.49 -11.71 -8.69
C GLU A 38 22.20 -10.41 -8.37
N LEU A 39 23.45 -10.32 -8.79
CA LEU A 39 24.22 -9.11 -8.56
C LEU A 39 23.69 -7.94 -9.38
N ALA A 40 23.21 -8.19 -10.60
CA ALA A 40 22.57 -7.14 -11.40
C ALA A 40 21.32 -6.61 -10.69
N ILE A 41 20.58 -7.52 -10.05
CA ILE A 41 19.38 -7.13 -9.30
C ILE A 41 19.77 -6.31 -8.07
N ALA A 42 20.82 -6.74 -7.36
CA ALA A 42 21.29 -6.04 -6.18
C ALA A 42 21.66 -4.59 -6.50
N VAL A 43 22.31 -4.36 -7.65
CA VAL A 43 22.72 -3.02 -8.06
C VAL A 43 21.49 -2.13 -8.26
N LEU A 44 20.49 -2.66 -8.96
CA LEU A 44 19.28 -1.91 -9.22
C LEU A 44 18.44 -1.68 -7.94
N ALA A 45 18.37 -2.66 -7.05
CA ALA A 45 17.61 -2.52 -5.79
C ALA A 45 18.22 -1.46 -4.90
N ILE A 46 19.55 -1.41 -4.83
CA ILE A 46 20.23 -0.41 -4.00
C ILE A 46 20.04 0.98 -4.57
N LEU A 47 20.36 1.14 -5.85
CA LEU A 47 20.37 2.47 -6.45
C LEU A 47 18.98 3.10 -6.45
N GLY A 48 17.98 2.35 -6.91
CA GLY A 48 16.62 2.86 -7.01
C GLY A 48 16.03 3.28 -5.69
N ASN A 49 16.31 2.49 -4.65
CA ASN A 49 15.74 2.74 -3.33
C ASN A 49 16.51 3.77 -2.54
N VAL A 50 17.81 3.91 -2.78
CA VAL A 50 18.55 5.06 -2.27
C VAL A 50 17.94 6.36 -2.81
N LEU A 51 17.54 6.35 -4.09
CA LEU A 51 16.92 7.53 -4.71
C LEU A 51 15.60 7.92 -4.03
N VAL A 52 14.82 6.92 -3.64
CA VAL A 52 13.56 7.16 -2.93
C VAL A 52 13.82 7.84 -1.59
N CYS A 53 14.74 7.30 -0.81
CA CYS A 53 15.11 7.91 0.46
C CYS A 53 15.65 9.32 0.31
N TRP A 54 16.52 9.53 -0.69
CA TRP A 54 17.08 10.85 -0.96
C TRP A 54 15.95 11.84 -1.29
N ALA A 55 14.98 11.43 -2.09
CA ALA A 55 13.87 12.29 -2.47
C ALA A 55 13.03 12.72 -1.28
N VAL A 56 12.73 11.77 -0.39
CA VAL A 56 11.93 12.08 0.79
C VAL A 56 12.72 12.99 1.75
N TRP A 57 14.02 12.75 1.88
CA TRP A 57 14.88 13.63 2.68
C TRP A 57 14.90 15.15 2.43
N LEU A 58 14.98 15.56 1.16
CA LEU A 58 14.96 17.00 0.83
C LEU A 58 13.75 17.74 0.07
N ASN A 59 12.66 16.99 0.10
CA ASN A 59 11.41 17.48 -0.47
C ASN A 59 10.41 17.39 0.68
N SER A 60 10.10 18.54 1.29
CA SER A 60 9.17 18.60 2.41
C SER A 60 7.75 18.24 2.01
N ASN A 61 7.39 18.36 0.74
CA ASN A 61 6.07 17.91 0.28
C ASN A 61 5.90 16.38 0.40
N LEU A 62 7.03 15.66 0.40
CA LEU A 62 7.03 14.20 0.55
C LEU A 62 7.23 13.74 2.01
N GLN A 63 7.40 14.67 2.94
CA GLN A 63 7.64 14.33 4.32
C GLN A 63 6.31 14.31 5.05
N ASN A 64 5.59 13.21 4.86
CA ASN A 64 4.34 12.94 5.56
C ASN A 64 4.39 11.53 6.11
N VAL A 65 3.42 11.18 6.93
CA VAL A 65 3.37 9.88 7.57
C VAL A 65 3.36 8.74 6.55
N THR A 66 2.56 8.89 5.50
CA THR A 66 2.45 7.86 4.48
C THR A 66 3.82 7.50 3.89
N ASN A 67 4.64 8.51 3.61
CA ASN A 67 5.94 8.27 2.99
C ASN A 67 7.04 7.84 3.98
N TYR A 68 6.77 7.90 5.27
CA TYR A 68 7.68 7.30 6.24
C TYR A 68 7.62 5.79 6.15
N PHE A 69 6.43 5.25 5.89
CA PHE A 69 6.30 3.82 5.60
C PHE A 69 6.91 3.47 4.24
N VAL A 70 6.83 4.39 3.28
CA VAL A 70 7.50 4.22 1.98
C VAL A 70 9.02 4.12 2.18
N VAL A 71 9.57 4.94 3.07
CA VAL A 71 11.00 4.90 3.38
C VAL A 71 11.37 3.60 4.11
N SER A 72 10.55 3.18 5.06
CA SER A 72 10.78 1.89 5.73
C SER A 72 10.77 0.74 4.72
N LEU A 73 9.86 0.81 3.75
CA LEU A 73 9.78 -0.19 2.69
C LEU A 73 11.04 -0.16 1.81
N ALA A 74 11.51 1.05 1.49
CA ALA A 74 12.76 1.22 0.74
C ALA A 74 13.97 0.70 1.51
N ALA A 75 13.98 0.89 2.84
CA ALA A 75 15.08 0.40 3.66
C ALA A 75 15.18 -1.12 3.60
N ALA A 76 14.04 -1.79 3.62
CA ALA A 76 14.01 -3.23 3.51
C ALA A 76 14.53 -3.70 2.14
N ASP A 77 14.22 -2.95 1.08
CA ASP A 77 14.66 -3.28 -0.26
C ASP A 77 16.14 -2.97 -0.50
N ILE A 78 16.68 -1.95 0.16
CA ILE A 78 18.13 -1.71 0.12
C ILE A 78 18.84 -2.91 0.77
N ALA A 79 18.32 -3.35 1.91
CA ALA A 79 18.89 -4.48 2.62
C ALA A 79 18.83 -5.78 1.84
N VAL A 80 17.85 -5.91 0.95
CA VAL A 80 17.81 -7.07 0.05
C VAL A 80 19.05 -7.10 -0.84
N GLY A 81 19.41 -5.94 -1.39
CA GLY A 81 20.58 -5.85 -2.26
C GLY A 81 21.88 -5.98 -1.49
N VAL A 82 21.95 -5.34 -0.33
CA VAL A 82 23.18 -5.32 0.45
C VAL A 82 23.44 -6.62 1.22
N LEU A 83 22.37 -7.27 1.68
CA LEU A 83 22.51 -8.45 2.57
C LEU A 83 21.83 -9.72 2.07
N ALA A 84 20.54 -9.63 1.76
CA ALA A 84 19.76 -10.84 1.41
C ALA A 84 20.26 -11.57 0.16
N ILE A 85 20.62 -10.80 -0.87
CA ILE A 85 21.13 -11.35 -2.12
C ILE A 85 22.52 -11.98 -1.94
N PRO A 86 23.45 -11.27 -1.26
CA PRO A 86 24.69 -11.97 -0.90
C PRO A 86 24.48 -13.22 -0.03
N PHE A 87 23.50 -13.18 0.88
CA PHE A 87 23.13 -14.39 1.63
C PHE A 87 22.59 -15.49 0.73
N ALA A 88 21.72 -15.12 -0.21
CA ALA A 88 21.17 -16.09 -1.18
C ALA A 88 22.26 -16.78 -2.01
N ILE A 89 23.23 -16.00 -2.48
CA ILE A 89 24.35 -16.54 -3.25
C ILE A 89 25.16 -17.51 -2.37
N THR A 90 25.41 -17.12 -1.12
CA THR A 90 26.20 -17.94 -0.21
C THR A 90 25.53 -19.28 0.06
N ILE A 91 24.24 -19.25 0.39
CA ILE A 91 23.49 -20.46 0.69
C ILE A 91 23.35 -21.44 -0.47
N SER A 92 23.42 -20.94 -1.69
CA SER A 92 23.28 -21.80 -2.87
C SER A 92 24.44 -22.77 -3.05
N THR A 93 25.60 -22.44 -2.49
CA THR A 93 26.77 -23.28 -2.61
C THR A 93 26.71 -24.53 -1.75
N GLY A 94 25.85 -24.53 -0.73
CA GLY A 94 25.75 -25.65 0.19
C GLY A 94 26.98 -25.79 1.08
N PHE A 95 27.64 -24.67 1.36
CA PHE A 95 28.87 -24.65 2.15
C PHE A 95 28.66 -25.21 3.56
N CYS A 96 29.73 -25.74 4.14
CA CYS A 96 29.66 -26.30 5.49
C CYS A 96 29.84 -25.21 6.55
N ALA A 97 28.84 -25.08 7.41
CA ALA A 97 28.89 -24.08 8.47
C ALA A 97 27.97 -24.46 9.63
N ALA A 98 27.98 -23.65 10.68
CA ALA A 98 27.14 -23.90 11.85
C ALA A 98 25.67 -24.00 11.47
N CYS A 99 24.95 -24.88 12.16
CA CYS A 99 23.53 -25.09 11.90
C CYS A 99 22.73 -23.80 12.16
N HIS A 100 23.11 -23.08 13.21
CA HIS A 100 22.42 -21.84 13.56
C HIS A 100 22.99 -20.64 12.81
N GLY A 101 24.18 -20.84 12.26
CA GLY A 101 24.78 -19.85 11.41
C GLY A 101 24.02 -19.95 10.09
N CYS A 102 23.83 -21.16 9.57
CA CYS A 102 23.10 -21.32 8.32
C CYS A 102 21.72 -20.73 8.46
N LEU A 103 21.03 -21.08 9.53
CA LEU A 103 19.70 -20.57 9.73
C LEU A 103 19.64 -19.08 9.57
N PHE A 104 20.55 -18.36 10.20
CA PHE A 104 20.53 -16.89 10.11
C PHE A 104 20.70 -16.44 8.66
N ILE A 105 21.64 -17.05 7.97
CA ILE A 105 21.81 -16.79 6.55
C ILE A 105 20.54 -17.12 5.78
N ALA A 106 19.91 -18.25 6.09
CA ALA A 106 18.73 -18.70 5.36
C ALA A 106 17.49 -17.86 5.61
N CYS A 107 17.33 -17.37 6.85
CA CYS A 107 16.08 -16.79 7.30
C CYS A 107 16.05 -15.28 7.32
N PHE A 108 17.19 -14.62 7.13
CA PHE A 108 17.23 -13.17 7.23
C PHE A 108 16.35 -12.50 6.20
N VAL A 109 16.23 -13.10 5.02
CA VAL A 109 15.40 -12.55 3.96
C VAL A 109 13.95 -12.41 4.43
N LEU A 110 13.52 -13.34 5.27
CA LEU A 110 12.17 -13.33 5.80
C LEU A 110 11.93 -12.07 6.63
N VAL A 111 12.91 -11.74 7.47
CA VAL A 111 12.82 -10.55 8.31
C VAL A 111 12.52 -9.34 7.44
N LEU A 112 13.16 -9.28 6.28
CA LEU A 112 12.97 -8.19 5.35
C LEU A 112 11.62 -8.28 4.66
N THR A 113 11.21 -9.50 4.31
CA THR A 113 9.90 -9.71 3.67
C THR A 113 8.76 -9.37 4.63
N GLN A 114 8.92 -9.76 5.89
CA GLN A 114 7.91 -9.45 6.89
C GLN A 114 7.80 -7.95 7.14
N SER A 115 8.95 -7.28 7.19
CA SER A 115 8.98 -5.81 7.34
C SER A 115 8.23 -5.14 6.19
N SER A 116 8.40 -5.66 4.97
CA SER A 116 7.68 -5.14 3.81
C SER A 116 6.17 -5.30 3.97
N ILE A 117 5.73 -6.45 4.48
CA ILE A 117 4.31 -6.69 4.73
C ILE A 117 3.73 -5.64 5.67
N PHE A 118 4.41 -5.42 6.78
CA PHE A 118 3.92 -4.46 7.77
C PHE A 118 3.84 -3.07 7.19
N SER A 119 4.83 -2.67 6.39
CA SER A 119 4.83 -1.33 5.79
C SER A 119 3.66 -1.17 4.81
N LEU A 120 3.43 -2.20 4.01
CA LEU A 120 2.32 -2.16 3.05
C LEU A 120 0.97 -2.11 3.75
N LEU A 121 0.84 -2.88 4.83
CA LEU A 121 -0.40 -2.89 5.61
C LEU A 121 -0.63 -1.53 6.30
N ALA A 122 0.43 -0.94 6.82
CA ALA A 122 0.33 0.37 7.44
C ALA A 122 -0.06 1.48 6.46
N ILE A 123 0.47 1.40 5.24
CA ILE A 123 0.12 2.38 4.21
C ILE A 123 -1.37 2.31 3.87
N ALA A 124 -1.89 1.08 3.76
CA ALA A 124 -3.30 0.87 3.48
C ALA A 124 -4.20 1.48 4.56
N ILE A 125 -3.89 1.17 5.82
CA ILE A 125 -4.68 1.67 6.94
C ILE A 125 -4.58 3.19 7.02
N ASP A 126 -3.40 3.74 6.71
CA ASP A 126 -3.20 5.18 6.73
C ASP A 126 -4.12 5.88 5.73
N ARG A 127 -4.17 5.36 4.52
CA ARG A 127 -5.04 5.94 3.51
C ARG A 127 -6.52 5.69 3.81
N TYR A 128 -6.83 4.59 4.49
CA TYR A 128 -8.21 4.34 4.89
C TYR A 128 -8.68 5.34 5.94
N ILE A 129 -7.85 5.57 6.96
CA ILE A 129 -8.13 6.58 7.96
C ILE A 129 -8.27 7.97 7.30
N ALA A 130 -7.43 8.27 6.32
CA ALA A 130 -7.46 9.59 5.66
C ALA A 130 -8.74 9.86 4.86
N ILE A 131 -9.31 8.84 4.23
CA ILE A 131 -10.55 9.05 3.44
C ILE A 131 -11.88 8.96 4.20
N ARG A 132 -11.92 8.23 5.32
CA ARG A 132 -13.15 8.06 6.08
C ARG A 132 -13.33 9.16 7.13
N ILE A 133 -12.24 9.49 7.82
CA ILE A 133 -12.25 10.55 8.84
C ILE A 133 -11.11 11.53 8.59
N PRO A 134 -11.18 12.27 7.47
CA PRO A 134 -10.15 13.26 7.18
C PRO A 134 -10.18 14.33 8.26
N LEU A 135 -11.35 14.53 8.84
CA LEU A 135 -11.53 15.53 9.89
C LEU A 135 -10.54 15.30 11.04
N ARG A 136 -10.47 14.10 11.60
CA ARG A 136 -9.54 13.88 12.69
C ARG A 136 -8.36 12.99 12.33
N TYR A 137 -7.74 13.30 11.21
CA TYR A 137 -6.62 12.55 10.66
C TYR A 137 -5.29 13.06 11.20
N ASN A 138 -5.13 14.38 11.17
CA ASN A 138 -3.89 15.00 11.65
C ASN A 138 -3.72 14.91 13.15
N GLY A 139 -4.82 14.79 13.90
CA GLY A 139 -4.77 14.63 15.36
C GLY A 139 -4.52 13.20 15.83
N LEU A 140 -4.87 12.24 14.97
CA LEU A 140 -4.73 10.81 15.26
C LEU A 140 -3.43 10.19 14.70
N VAL A 141 -3.04 10.59 13.48
CA VAL A 141 -1.89 9.99 12.80
C VAL A 141 -0.78 11.04 12.71
N THR A 142 0.16 10.96 13.64
CA THR A 142 1.30 11.87 13.65
C THR A 142 2.62 11.15 13.32
N GLY A 143 3.63 11.93 12.96
CA GLY A 143 4.97 11.42 12.65
C GLY A 143 5.61 10.69 13.83
N THR A 144 5.43 11.24 15.02
CA THR A 144 5.93 10.63 16.26
C THR A 144 5.35 9.25 16.49
N ARG A 145 4.04 9.11 16.29
CA ARG A 145 3.36 7.81 16.44
C ARG A 145 3.77 6.83 15.32
N ALA A 146 3.88 7.34 14.10
CA ALA A 146 4.37 6.53 12.97
C ALA A 146 5.75 5.96 13.25
N LYS A 147 6.66 6.80 13.76
CA LYS A 147 8.03 6.35 14.11
C LYS A 147 8.00 5.19 15.12
N GLY A 148 7.15 5.29 16.12
CA GLY A 148 6.97 4.20 17.08
C GLY A 148 6.38 2.93 16.46
N ILE A 149 5.41 3.09 15.57
CA ILE A 149 4.82 1.96 14.85
C ILE A 149 5.87 1.23 14.00
N ILE A 150 6.75 2.01 13.37
CA ILE A 150 7.77 1.44 12.50
C ILE A 150 8.79 0.64 13.31
N ALA A 151 9.26 1.21 14.42
CA ALA A 151 10.21 0.52 15.29
C ALA A 151 9.67 -0.81 15.78
N ILE A 152 8.41 -0.81 16.22
CA ILE A 152 7.73 -2.01 16.71
C ILE A 152 7.62 -3.07 15.62
N CYS A 153 7.29 -2.63 14.41
CA CYS A 153 7.14 -3.56 13.29
C CYS A 153 8.47 -4.20 12.86
N TRP A 154 9.58 -3.46 13.00
CA TRP A 154 10.90 -4.02 12.70
C TRP A 154 11.28 -5.07 13.73
N VAL A 155 10.96 -4.83 14.99
CA VAL A 155 11.27 -5.79 16.04
C VAL A 155 10.43 -7.06 15.86
N LEU A 156 9.13 -6.91 15.62
CA LEU A 156 8.26 -8.05 15.31
C LEU A 156 8.72 -8.83 14.06
N SER A 157 9.25 -8.12 13.07
CA SER A 157 9.75 -8.76 11.85
C SER A 157 10.96 -9.65 12.11
N PHE A 158 11.88 -9.20 12.97
CA PHE A 158 12.99 -10.04 13.42
C PHE A 158 12.51 -11.28 14.16
N ALA A 159 11.53 -11.11 15.04
CA ALA A 159 11.01 -12.23 15.83
C ALA A 159 10.28 -13.26 14.96
N ILE A 160 9.49 -12.79 14.01
CA ILE A 160 8.80 -13.70 13.10
C ILE A 160 9.79 -14.36 12.14
N GLY A 161 10.66 -13.56 11.50
CA GLY A 161 11.59 -14.09 10.51
C GLY A 161 12.63 -15.06 11.02
N LEU A 162 13.07 -14.84 12.26
CA LEU A 162 14.10 -15.68 12.88
C LEU A 162 13.54 -16.70 13.90
N THR A 163 12.24 -16.96 13.86
CA THR A 163 11.62 -17.99 14.70
C THR A 163 12.29 -19.37 14.59
N PRO A 164 12.70 -19.80 13.38
CA PRO A 164 13.39 -21.08 13.31
C PRO A 164 14.65 -21.19 14.20
N MET A 165 15.31 -20.06 14.46
CA MET A 165 16.47 -20.06 15.37
C MET A 165 16.07 -20.32 16.83
N LEU A 166 14.79 -20.17 17.16
CA LEU A 166 14.28 -20.51 18.49
C LEU A 166 13.98 -21.99 18.71
N GLY A 167 14.31 -22.85 17.75
CA GLY A 167 14.14 -24.30 17.93
C GLY A 167 13.28 -25.00 16.89
N TRP A 168 12.55 -24.22 16.07
CA TRP A 168 11.74 -24.80 15.00
C TRP A 168 12.60 -24.97 13.74
N ASN A 169 13.45 -25.98 13.76
CA ASN A 169 14.37 -26.23 12.66
C ASN A 169 14.74 -27.70 12.57
N ASN A 170 15.49 -28.06 11.53
CA ASN A 170 15.93 -29.43 11.30
C ASN A 170 17.38 -29.63 11.70
N CYS A 171 17.95 -28.75 12.53
CA CYS A 171 19.33 -28.93 13.01
C CYS A 171 19.48 -30.22 13.81
N GLY A 172 18.41 -30.64 14.48
CA GLY A 172 18.36 -31.91 15.18
C GLY A 172 18.27 -33.15 14.29
N GLN A 173 18.05 -32.98 12.99
CA GLN A 173 17.88 -34.11 12.06
C GLN A 173 18.76 -33.95 10.81
N PRO A 174 20.11 -33.94 10.98
CA PRO A 174 20.96 -33.60 9.84
C PRO A 174 21.07 -34.69 8.78
N LYS A 175 21.35 -34.26 7.55
CA LYS A 175 21.50 -35.17 6.43
C LYS A 175 22.89 -35.84 6.56
N GLU A 176 22.88 -37.08 7.05
CA GLU A 176 24.11 -37.84 7.28
C GLU A 176 25.00 -37.87 6.00
N GLY A 177 24.41 -38.33 4.88
CA GLY A 177 25.06 -38.34 3.57
C GLY A 177 25.66 -37.06 2.99
N LYS A 178 24.90 -35.96 3.00
CA LYS A 178 25.40 -34.69 2.48
C LYS A 178 26.54 -34.13 3.32
N ASN A 179 26.44 -34.24 4.63
CA ASN A 179 27.46 -33.66 5.53
C ASN A 179 28.81 -34.37 5.44
N HIS A 180 28.79 -35.65 5.06
CA HIS A 180 30.04 -36.39 4.82
C HIS A 180 30.55 -36.20 3.39
N SER A 181 29.65 -36.07 2.42
CA SER A 181 30.03 -35.81 1.03
C SER A 181 30.81 -34.51 0.91
N GLN A 182 30.24 -33.44 1.45
CA GLN A 182 30.86 -32.11 1.41
C GLN A 182 32.05 -32.02 2.36
N GLY A 183 32.15 -32.97 3.29
CA GLY A 183 33.31 -33.09 4.17
C GLY A 183 33.30 -32.05 5.27
N CYS A 184 32.12 -31.79 5.81
CA CYS A 184 31.97 -30.82 6.89
C CYS A 184 32.55 -31.40 8.16
N GLY A 185 32.92 -30.51 9.06
CA GLY A 185 33.50 -30.90 10.31
C GLY A 185 32.39 -31.46 11.14
N GLU A 186 32.69 -31.80 12.39
CA GLU A 186 31.69 -32.36 13.29
C GLU A 186 30.64 -31.31 13.68
N GLY A 187 29.37 -31.70 13.60
CA GLY A 187 28.28 -30.80 13.93
C GLY A 187 27.90 -29.89 12.79
N GLN A 188 28.88 -29.60 11.92
CA GLN A 188 28.64 -28.73 10.78
C GLN A 188 27.69 -29.38 9.78
N VAL A 189 27.13 -28.56 8.90
CA VAL A 189 26.19 -29.05 7.89
C VAL A 189 26.17 -28.15 6.66
N ALA A 190 25.95 -28.75 5.50
CA ALA A 190 25.91 -27.99 4.25
C ALA A 190 25.03 -26.75 4.38
N CYS A 191 25.07 -25.75 3.54
CA CYS A 191 24.08 -24.75 3.92
C CYS A 191 22.97 -24.58 2.96
N LEU A 192 22.21 -25.65 2.95
CA LEU A 192 20.98 -25.88 2.22
C LEU A 192 19.80 -25.19 2.90
N PHE A 193 18.81 -24.78 2.10
CA PHE A 193 17.63 -24.11 2.61
C PHE A 193 16.58 -25.12 3.08
N GLU A 194 16.22 -26.03 2.18
CA GLU A 194 15.23 -27.06 2.49
C GLU A 194 15.73 -28.16 3.43
N ASP A 195 17.01 -28.15 3.79
CA ASP A 195 17.53 -29.08 4.77
C ASP A 195 17.49 -28.59 6.22
N VAL A 196 17.57 -27.28 6.42
CA VAL A 196 17.60 -26.70 7.77
C VAL A 196 16.28 -26.04 8.18
N VAL A 197 15.53 -25.52 7.21
CA VAL A 197 14.28 -24.84 7.50
C VAL A 197 13.13 -25.79 7.21
N PRO A 198 12.34 -26.14 8.25
CA PRO A 198 11.24 -27.05 8.02
C PRO A 198 10.14 -26.45 7.14
N MET A 199 9.56 -27.27 6.27
CA MET A 199 8.54 -26.80 5.33
C MET A 199 7.18 -26.51 5.99
N ASN A 200 6.90 -27.09 7.15
CA ASN A 200 5.65 -26.77 7.86
C ASN A 200 5.66 -25.35 8.44
N TYR A 201 6.84 -24.89 8.88
CA TYR A 201 7.04 -23.48 9.24
C TYR A 201 6.76 -22.56 8.06
N MET A 202 7.35 -22.88 6.92
CA MET A 202 7.22 -22.04 5.72
C MET A 202 5.81 -21.96 5.16
N VAL A 203 5.06 -23.04 5.28
CA VAL A 203 3.75 -23.12 4.66
C VAL A 203 2.71 -22.59 5.63
N TYR A 204 2.66 -23.17 6.83
CA TYR A 204 1.63 -22.81 7.79
C TYR A 204 1.91 -21.48 8.44
N PHE A 205 3.11 -21.31 8.98
CA PHE A 205 3.43 -20.14 9.78
C PHE A 205 3.72 -18.94 8.89
N ASN A 206 4.66 -19.09 7.96
CA ASN A 206 5.11 -17.94 7.15
C ASN A 206 4.11 -17.59 6.04
N PHE A 207 3.72 -18.56 5.23
CA PHE A 207 2.82 -18.26 4.10
C PHE A 207 1.40 -17.93 4.55
N PHE A 208 0.69 -18.90 5.13
CA PHE A 208 -0.71 -18.72 5.50
C PHE A 208 -0.92 -17.60 6.52
N ALA A 209 -0.20 -17.66 7.64
CA ALA A 209 -0.41 -16.71 8.71
C ALA A 209 0.25 -15.36 8.52
N CYS A 210 1.51 -15.36 8.11
CA CYS A 210 2.31 -14.11 8.07
C CYS A 210 2.31 -13.35 6.74
N VAL A 211 1.91 -14.01 5.65
CA VAL A 211 1.91 -13.38 4.32
C VAL A 211 0.50 -13.31 3.75
N LEU A 212 -0.16 -14.45 3.64
CA LEU A 212 -1.44 -14.52 2.96
C LEU A 212 -2.53 -13.76 3.71
N VAL A 213 -2.58 -13.95 5.03
CA VAL A 213 -3.58 -13.25 5.83
C VAL A 213 -3.44 -11.74 5.75
N PRO A 214 -2.21 -11.18 5.94
CA PRO A 214 -2.10 -9.72 5.78
C PRO A 214 -2.44 -9.22 4.37
N LEU A 215 -2.10 -10.00 3.35
CA LEU A 215 -2.46 -9.66 1.97
C LEU A 215 -3.96 -9.55 1.79
N LEU A 216 -4.71 -10.52 2.31
CA LEU A 216 -6.16 -10.46 2.24
C LEU A 216 -6.73 -9.28 3.03
N LEU A 217 -6.09 -8.92 4.14
CA LEU A 217 -6.52 -7.76 4.91
C LEU A 217 -6.30 -6.49 4.10
N MET A 218 -5.15 -6.38 3.43
CA MET A 218 -4.87 -5.24 2.56
C MET A 218 -5.90 -5.16 1.44
N LEU A 219 -6.29 -6.31 0.87
CA LEU A 219 -7.33 -6.36 -0.15
C LEU A 219 -8.61 -5.78 0.41
N GLY A 220 -8.97 -6.17 1.63
CA GLY A 220 -10.17 -5.67 2.28
C GLY A 220 -10.16 -4.18 2.53
N VAL A 221 -9.03 -3.67 2.99
CA VAL A 221 -8.90 -2.25 3.31
C VAL A 221 -9.06 -1.43 2.04
N TYR A 222 -8.40 -1.85 0.97
CA TYR A 222 -8.48 -1.13 -0.31
C TYR A 222 -9.88 -1.21 -0.93
N LEU A 223 -10.58 -2.35 -0.77
CA LEU A 223 -11.99 -2.44 -1.15
C LEU A 223 -12.85 -1.37 -0.49
N ARG A 224 -12.68 -1.20 0.82
CA ARG A 224 -13.41 -0.20 1.57
C ARG A 224 -13.02 1.22 1.13
N ILE A 225 -11.75 1.41 0.77
CA ILE A 225 -11.28 2.72 0.32
C ILE A 225 -12.04 3.12 -0.93
N PHE A 226 -12.06 2.22 -1.92
CA PHE A 226 -12.75 2.52 -3.16
C PHE A 226 -14.25 2.66 -3.00
N LEU A 227 -14.83 1.88 -2.09
CA LEU A 227 -16.27 1.97 -1.84
C LEU A 227 -16.64 3.25 -1.11
N ALA A 228 -15.80 3.66 -0.16
CA ALA A 228 -16.04 4.92 0.57
C ALA A 228 -15.97 6.11 -0.38
N ALA A 229 -15.03 6.09 -1.31
CA ALA A 229 -14.90 7.17 -2.29
C ALA A 229 -16.11 7.20 -3.23
N ARG A 230 -16.54 6.04 -3.69
CA ARG A 230 -17.72 5.92 -4.51
C ARG A 230 -19.01 6.45 -3.84
N ARG A 231 -19.20 6.14 -2.55
CA ARG A 231 -20.38 6.62 -1.82
C ARG A 231 -20.39 8.11 -1.48
N GLN A 232 -19.22 8.67 -1.27
CA GLN A 232 -19.15 10.07 -0.97
C GLN A 232 -19.46 10.84 -2.21
N LEU A 233 -18.77 10.53 -3.29
CA LEU A 233 -19.02 11.20 -4.56
C LEU A 233 -20.51 11.17 -4.79
N ALA A 234 -21.09 9.99 -4.70
CA ALA A 234 -22.51 9.86 -4.90
C ALA A 234 -23.25 10.84 -4.02
N ASP A 235 -23.04 10.74 -2.72
CA ASP A 235 -23.74 11.67 -1.83
C ASP A 235 -23.79 13.11 -2.32
N LEU A 236 -22.63 13.66 -2.69
CA LEU A 236 -22.55 15.02 -3.26
C LEU A 236 -23.33 15.19 -4.56
N GLU A 237 -23.34 14.15 -5.38
CA GLU A 237 -24.10 14.18 -6.64
C GLU A 237 -25.57 14.22 -6.29
N ASP A 238 -25.99 13.44 -5.31
CA ASP A 238 -27.39 13.43 -4.88
C ASP A 238 -27.79 14.76 -4.28
N ASN A 239 -26.94 15.31 -3.43
CA ASN A 239 -27.21 16.63 -2.86
C ASN A 239 -27.25 17.70 -3.94
N TRP A 240 -26.37 17.61 -4.94
CA TRP A 240 -26.33 18.59 -6.04
C TRP A 240 -27.61 18.53 -6.88
N GLU A 241 -28.02 17.32 -7.24
CA GLU A 241 -29.26 17.15 -8.00
C GLU A 241 -30.49 17.53 -7.17
N THR A 242 -30.48 17.18 -5.88
CA THR A 242 -31.54 17.62 -4.97
C THR A 242 -31.66 19.14 -4.95
N LEU A 243 -30.53 19.84 -5.00
CA LEU A 243 -30.53 21.31 -5.04
C LEU A 243 -31.23 21.83 -6.29
N ASN A 244 -30.88 21.27 -7.44
CA ASN A 244 -31.39 21.76 -8.73
C ASN A 244 -32.78 21.26 -9.09
N ASP A 245 -33.17 20.09 -8.62
CA ASP A 245 -34.49 19.64 -8.94
C ASP A 245 -35.41 20.50 -8.10
N ASN A 246 -35.28 20.45 -6.78
CA ASN A 246 -36.16 21.26 -5.94
C ASN A 246 -36.23 22.71 -6.46
N LEU A 247 -35.16 23.21 -7.06
CA LEU A 247 -35.16 24.55 -7.68
C LEU A 247 -36.16 24.62 -8.86
N LYS A 248 -36.10 23.67 -9.77
CA LYS A 248 -37.02 23.63 -10.92
C LYS A 248 -38.47 23.37 -10.51
N VAL A 249 -38.66 22.67 -9.39
CA VAL A 249 -40.01 22.48 -8.83
C VAL A 249 -40.57 23.82 -8.35
N ILE A 250 -39.70 24.68 -7.83
CA ILE A 250 -40.10 26.01 -7.36
C ILE A 250 -40.73 26.85 -8.49
N GLU A 251 -40.09 26.85 -9.65
CA GLU A 251 -40.49 27.72 -10.78
C GLU A 251 -41.82 27.31 -11.45
N LYS A 252 -42.26 26.07 -11.24
CA LYS A 252 -43.50 25.56 -11.83
C LYS A 252 -44.69 25.45 -10.87
N ALA A 253 -44.43 25.49 -9.55
CA ALA A 253 -45.49 25.28 -8.55
C ALA A 253 -46.47 26.44 -8.61
N ASP A 254 -47.64 26.19 -8.06
CA ASP A 254 -48.70 27.20 -7.96
C ASP A 254 -49.25 27.39 -6.54
N ASN A 255 -48.72 26.66 -5.57
CA ASN A 255 -49.21 26.70 -4.20
C ASN A 255 -48.09 27.13 -3.27
N ALA A 256 -48.45 27.85 -2.21
CA ALA A 256 -47.46 28.35 -1.24
C ALA A 256 -46.73 27.21 -0.54
N ALA A 257 -47.47 26.21 -0.06
CA ALA A 257 -46.87 25.05 0.62
C ALA A 257 -46.10 24.15 -0.36
N GLN A 258 -46.51 24.12 -1.63
CA GLN A 258 -45.79 23.38 -2.68
C GLN A 258 -44.36 23.92 -2.81
N VAL A 259 -44.24 25.25 -2.78
CA VAL A 259 -42.93 25.90 -2.77
C VAL A 259 -42.16 25.68 -1.46
N LYS A 260 -42.86 25.76 -0.32
CA LYS A 260 -42.22 25.58 0.99
C LYS A 260 -41.68 24.16 1.18
N ASP A 261 -42.31 23.18 0.53
CA ASP A 261 -41.86 21.79 0.61
C ASP A 261 -40.53 21.60 -0.14
N ALA A 262 -40.45 22.15 -1.35
CA ALA A 262 -39.20 22.08 -2.14
C ALA A 262 -38.01 22.88 -1.59
N LEU A 263 -38.26 23.84 -0.69
CA LEU A 263 -37.19 24.60 -0.01
C LEU A 263 -36.68 23.95 1.28
N THR A 264 -37.58 23.29 2.02
CA THR A 264 -37.16 22.60 3.25
C THR A 264 -36.31 21.41 2.85
N LYS A 265 -36.67 20.74 1.76
CA LYS A 265 -35.86 19.64 1.20
C LYS A 265 -34.57 20.16 0.57
N MET A 266 -34.62 21.35 -0.01
CA MET A 266 -33.43 22.00 -0.54
C MET A 266 -32.51 22.49 0.57
N ARG A 267 -33.09 22.82 1.73
CA ARG A 267 -32.32 23.33 2.87
C ARG A 267 -31.53 22.22 3.58
N ALA A 268 -32.13 21.03 3.71
CA ALA A 268 -31.46 19.88 4.31
C ALA A 268 -30.26 19.47 3.45
N ALA A 269 -30.49 19.34 2.14
CA ALA A 269 -29.39 19.05 1.21
C ALA A 269 -28.33 20.14 1.20
N ALA A 270 -28.70 21.37 1.56
CA ALA A 270 -27.76 22.49 1.60
C ALA A 270 -26.70 22.31 2.70
N LEU A 271 -27.16 22.23 3.95
CA LEU A 271 -26.26 22.01 5.09
C LEU A 271 -25.58 20.64 5.28
N ASP A 272 -26.09 19.61 4.61
CA ASP A 272 -25.40 18.32 4.56
C ASP A 272 -24.24 18.23 3.58
N ALA A 273 -24.42 18.88 2.42
CA ALA A 273 -23.35 19.05 1.44
C ALA A 273 -22.28 19.96 2.07
N GLN A 274 -22.70 20.83 2.99
CA GLN A 274 -21.77 21.67 3.73
C GLN A 274 -20.79 20.84 4.58
N LYS A 275 -21.18 19.64 4.97
CA LYS A 275 -20.29 18.73 5.69
C LYS A 275 -19.67 17.69 4.74
N ALA A 276 -18.70 18.11 3.92
CA ALA A 276 -18.01 17.14 3.04
C ALA A 276 -16.61 17.56 2.58
N ASP A 293 -14.21 31.10 4.12
CA ASP A 293 -13.70 31.18 2.75
C ASP A 293 -14.78 30.66 1.84
N PHE A 294 -15.23 29.46 2.17
CA PHE A 294 -16.34 28.81 1.51
C PHE A 294 -17.55 28.82 2.46
N ARG A 295 -17.31 29.16 3.73
CA ARG A 295 -18.38 29.29 4.72
C ARG A 295 -19.34 30.40 4.24
N HIS A 296 -18.76 31.45 3.65
CA HIS A 296 -19.51 32.54 3.03
C HIS A 296 -20.49 32.10 1.93
N GLY A 297 -20.04 31.19 1.05
CA GLY A 297 -20.86 30.69 -0.04
C GLY A 297 -22.10 29.95 0.44
N PHE A 298 -21.92 29.12 1.46
CA PHE A 298 -23.03 28.34 2.02
C PHE A 298 -23.94 29.15 2.93
N ASP A 299 -23.42 30.22 3.55
CA ASP A 299 -24.26 31.09 4.38
C ASP A 299 -25.17 31.97 3.54
N ILE A 300 -24.68 32.46 2.40
CA ILE A 300 -25.55 33.19 1.47
C ILE A 300 -26.65 32.26 0.95
N LEU A 301 -26.31 31.00 0.68
CA LEU A 301 -27.28 30.05 0.13
C LEU A 301 -28.36 29.70 1.15
N VAL A 302 -27.96 29.31 2.35
CA VAL A 302 -28.92 28.90 3.38
C VAL A 302 -29.74 30.10 3.84
N GLY A 303 -29.12 31.27 3.93
CA GLY A 303 -29.82 32.51 4.24
C GLY A 303 -30.86 32.88 3.21
N GLN A 304 -30.53 32.70 1.92
CA GLN A 304 -31.50 32.95 0.84
C GLN A 304 -32.66 31.98 0.88
N ILE A 305 -32.42 30.73 1.28
CA ILE A 305 -33.48 29.76 1.42
C ILE A 305 -34.43 30.17 2.55
N ASP A 306 -33.87 30.50 3.72
CA ASP A 306 -34.68 30.95 4.85
C ASP A 306 -35.51 32.20 4.53
N ASP A 307 -34.92 33.15 3.81
CA ASP A 307 -35.65 34.33 3.32
C ASP A 307 -36.87 33.87 2.51
N ALA A 308 -36.64 32.97 1.56
CA ALA A 308 -37.72 32.46 0.72
C ALA A 308 -38.73 31.63 1.52
N LEU A 309 -38.28 31.02 2.62
CA LEU A 309 -39.18 30.25 3.49
C LEU A 309 -40.25 31.07 4.21
N LYS A 310 -39.85 32.15 4.88
CA LYS A 310 -40.80 33.04 5.59
C LYS A 310 -41.77 33.75 4.65
N LEU A 311 -41.34 33.97 3.40
CA LEU A 311 -42.25 34.50 2.38
C LEU A 311 -43.30 33.44 2.11
N ALA A 312 -42.85 32.19 1.91
CA ALA A 312 -43.76 31.09 1.62
C ALA A 312 -44.78 30.86 2.75
N ASN A 313 -44.32 30.94 3.99
CA ASN A 313 -45.21 30.76 5.15
C ASN A 313 -46.27 31.84 5.23
N GLU A 314 -45.96 33.05 4.78
CA GLU A 314 -46.91 34.16 4.76
C GLU A 314 -47.76 34.19 3.48
N GLY A 315 -47.79 33.09 2.73
CA GLY A 315 -48.57 33.00 1.51
C GLY A 315 -48.03 33.73 0.29
N LYS A 316 -46.98 34.53 0.47
CA LYS A 316 -46.41 35.32 -0.62
C LYS A 316 -45.68 34.39 -1.59
N VAL A 317 -46.45 33.81 -2.51
CA VAL A 317 -45.94 32.77 -3.41
C VAL A 317 -44.96 33.37 -4.42
N LYS A 318 -45.41 34.36 -5.18
CA LYS A 318 -44.59 34.92 -6.23
C LYS A 318 -43.34 35.61 -5.69
N GLU A 319 -43.43 36.21 -4.51
CA GLU A 319 -42.23 36.72 -3.83
C GLU A 319 -41.27 35.59 -3.47
N ALA A 320 -41.80 34.47 -2.97
CA ALA A 320 -40.98 33.30 -2.66
C ALA A 320 -40.29 32.75 -3.91
N GLN A 321 -41.05 32.62 -5.00
CA GLN A 321 -40.50 32.10 -6.27
C GLN A 321 -39.42 33.01 -6.87
N ALA A 322 -39.58 34.32 -6.71
CA ALA A 322 -38.61 35.29 -7.22
C ALA A 322 -37.41 35.42 -6.28
N ALA A 323 -37.64 35.35 -4.97
CA ALA A 323 -36.54 35.36 -4.00
C ALA A 323 -35.74 34.06 -4.03
N ALA A 324 -36.38 32.96 -4.44
CA ALA A 324 -35.68 31.69 -4.64
C ALA A 324 -34.96 31.59 -6.00
N GLU A 325 -35.25 32.52 -6.90
CA GLU A 325 -34.59 32.52 -8.21
C GLU A 325 -33.18 33.10 -8.18
N GLN A 326 -32.88 33.94 -7.19
CA GLN A 326 -31.52 34.43 -6.97
C GLN A 326 -30.56 33.36 -6.41
N LEU A 327 -31.09 32.22 -5.97
CA LEU A 327 -30.27 31.09 -5.52
C LEU A 327 -29.29 30.63 -6.60
N LYS A 328 -29.76 30.60 -7.85
CA LYS A 328 -28.98 30.04 -8.94
C LYS A 328 -27.69 30.79 -9.25
N THR A 329 -27.62 32.09 -8.92
CA THR A 329 -26.36 32.82 -9.05
C THR A 329 -25.44 32.59 -7.85
N THR A 330 -26.00 32.38 -6.67
CA THR A 330 -25.21 31.92 -5.52
C THR A 330 -24.67 30.51 -5.76
N ARG A 331 -25.48 29.65 -6.37
CA ARG A 331 -25.04 28.31 -6.74
C ARG A 331 -23.92 28.39 -7.78
N ASN A 332 -24.11 29.22 -8.81
CA ASN A 332 -23.12 29.35 -9.88
C ASN A 332 -21.87 30.16 -9.50
N ALA A 333 -21.84 30.76 -8.30
CA ALA A 333 -20.69 31.52 -7.84
C ALA A 333 -19.99 30.96 -6.60
N TYR A 334 -20.51 29.85 -6.08
CA TYR A 334 -19.94 29.26 -4.88
C TYR A 334 -20.18 27.76 -4.80
N ILE A 335 -21.43 27.36 -4.76
CA ILE A 335 -21.72 25.95 -4.59
C ILE A 335 -21.10 25.06 -5.67
N GLN A 336 -21.19 25.46 -6.94
CA GLN A 336 -20.58 24.70 -8.05
C GLN A 336 -19.06 24.66 -7.94
N LYS A 337 -18.46 25.75 -7.48
CA LYS A 337 -17.02 25.87 -7.34
C LYS A 337 -16.48 24.93 -6.25
N TYR A 338 -17.24 24.73 -5.18
CA TYR A 338 -16.82 23.84 -4.09
C TYR A 338 -17.12 22.38 -4.37
N LEU A 339 -18.20 22.08 -5.10
CA LEU A 339 -18.53 20.67 -5.40
C LEU A 339 -17.66 20.10 -6.50
N GLU A 340 -16.96 21.11 -7.44
CA GLU A 340 -15.93 20.56 -8.31
C GLU A 340 -14.65 20.28 -7.54
N ARG A 341 -14.32 21.14 -6.58
CA ARG A 341 -13.08 21.02 -5.85
C ARG A 341 -13.07 19.81 -4.91
N ALA A 342 -14.21 19.53 -4.28
CA ALA A 342 -14.33 18.34 -3.44
C ALA A 342 -14.28 17.07 -4.28
N ARG A 343 -14.83 17.13 -5.49
CA ARG A 343 -14.82 15.97 -6.40
C ARG A 343 -13.40 15.66 -6.87
N SER A 344 -12.62 16.69 -7.22
CA SER A 344 -11.24 16.48 -7.68
C SER A 344 -10.31 16.03 -6.56
N THR A 345 -10.60 16.43 -5.32
CA THR A 345 -9.85 15.93 -4.17
C THR A 345 -10.09 14.43 -3.97
N LEU A 346 -11.35 14.00 -4.07
CA LEU A 346 -11.67 12.58 -3.96
C LEU A 346 -11.07 11.78 -5.10
N GLN A 347 -11.12 12.30 -6.31
CA GLN A 347 -10.48 11.66 -7.46
C GLN A 347 -8.99 11.44 -7.26
N LYS A 348 -8.30 12.41 -6.66
CA LYS A 348 -6.87 12.28 -6.38
C LYS A 348 -6.58 11.22 -5.32
N GLU A 349 -7.47 11.12 -4.32
CA GLU A 349 -7.31 10.10 -3.28
C GLU A 349 -7.52 8.71 -3.86
N VAL A 350 -8.45 8.58 -4.81
CA VAL A 350 -8.69 7.31 -5.50
C VAL A 350 -7.48 6.95 -6.38
N HIS A 351 -6.98 7.92 -7.14
CA HIS A 351 -5.84 7.69 -8.03
C HIS A 351 -4.59 7.32 -7.23
N ALA A 352 -4.39 7.98 -6.08
CA ALA A 352 -3.27 7.66 -5.18
C ALA A 352 -3.42 6.27 -4.58
N ALA A 353 -4.61 5.91 -4.15
CA ALA A 353 -4.87 4.58 -3.59
C ALA A 353 -4.66 3.48 -4.61
N LYS A 354 -5.00 3.74 -5.87
CA LYS A 354 -4.75 2.78 -6.96
C LYS A 354 -3.26 2.55 -7.14
N SER A 355 -2.49 3.65 -7.11
CA SER A 355 -1.05 3.58 -7.27
C SER A 355 -0.41 2.72 -6.19
N LEU A 356 -0.87 2.88 -4.94
CA LEU A 356 -0.33 2.12 -3.82
C LEU A 356 -0.78 0.65 -3.84
N ALA A 357 -1.99 0.42 -4.34
CA ALA A 357 -2.49 -0.95 -4.50
C ALA A 357 -1.66 -1.77 -5.50
N ILE A 358 -1.19 -1.09 -6.55
CA ILE A 358 -0.31 -1.74 -7.53
C ILE A 358 0.96 -2.25 -6.85
N ILE A 359 1.48 -1.50 -5.87
CA ILE A 359 2.67 -1.91 -5.13
C ILE A 359 2.42 -3.26 -4.44
N VAL A 360 1.24 -3.40 -3.84
CA VAL A 360 0.87 -4.63 -3.15
C VAL A 360 0.66 -5.77 -4.15
N GLY A 361 0.08 -5.45 -5.31
CA GLY A 361 -0.13 -6.43 -6.36
C GLY A 361 1.17 -7.02 -6.89
N LEU A 362 2.15 -6.16 -7.14
CA LEU A 362 3.44 -6.64 -7.64
C LEU A 362 4.21 -7.40 -6.57
N PHE A 363 4.01 -7.07 -5.31
CA PHE A 363 4.60 -7.83 -4.21
C PHE A 363 4.09 -9.27 -4.25
N ALA A 364 2.77 -9.42 -4.35
CA ALA A 364 2.15 -10.74 -4.40
C ALA A 364 2.60 -11.54 -5.62
N LEU A 365 2.70 -10.87 -6.76
CA LEU A 365 3.13 -11.53 -8.01
C LEU A 365 4.57 -12.10 -7.92
N CYS A 366 5.46 -11.35 -7.28
CA CYS A 366 6.87 -11.74 -7.19
C CYS A 366 7.10 -12.83 -6.14
N TRP A 367 6.26 -12.86 -5.11
CA TRP A 367 6.46 -13.77 -3.99
C TRP A 367 5.57 -15.01 -4.00
N LEU A 368 4.42 -14.96 -4.66
CA LEU A 368 3.50 -16.12 -4.66
C LEU A 368 4.03 -17.40 -5.31
N PRO A 369 4.79 -17.29 -6.43
CA PRO A 369 5.37 -18.51 -7.02
C PRO A 369 6.20 -19.34 -6.05
N LEU A 370 7.05 -18.68 -5.28
CA LEU A 370 7.92 -19.36 -4.32
C LEU A 370 7.08 -20.05 -3.25
N HIS A 371 6.10 -19.32 -2.69
CA HIS A 371 5.15 -19.88 -1.74
C HIS A 371 4.37 -21.06 -2.32
N ILE A 372 3.93 -20.96 -3.58
CA ILE A 372 3.18 -22.02 -4.25
C ILE A 372 4.05 -23.26 -4.48
N ILE A 373 5.30 -23.06 -4.86
CA ILE A 373 6.22 -24.17 -5.03
C ILE A 373 6.39 -24.92 -3.71
N ASN A 374 6.56 -24.16 -2.64
CA ASN A 374 6.69 -24.76 -1.33
C ASN A 374 5.44 -25.54 -0.91
N CYS A 375 4.26 -25.07 -1.31
CA CYS A 375 3.01 -25.82 -1.09
C CYS A 375 3.05 -27.19 -1.77
N PHE A 376 3.51 -27.24 -3.00
CA PHE A 376 3.62 -28.51 -3.71
C PHE A 376 4.63 -29.45 -3.05
N THR A 377 5.78 -28.91 -2.67
CA THR A 377 6.78 -29.68 -1.95
C THR A 377 6.21 -30.28 -0.66
N PHE A 378 5.44 -29.48 0.06
CA PHE A 378 4.91 -29.88 1.37
C PHE A 378 3.74 -30.82 1.26
N PHE A 379 2.75 -30.43 0.45
CA PHE A 379 1.47 -31.15 0.40
C PHE A 379 1.43 -32.36 -0.55
N CYS A 380 2.36 -32.44 -1.50
CA CYS A 380 2.38 -33.55 -2.45
C CYS A 380 3.69 -34.34 -2.37
N PRO A 381 3.76 -35.32 -1.45
CA PRO A 381 4.95 -36.17 -1.41
C PRO A 381 5.03 -37.12 -2.61
N ASP A 382 3.91 -37.39 -3.26
CA ASP A 382 3.91 -38.15 -4.52
C ASP A 382 4.44 -37.36 -5.72
N CYS A 383 4.55 -36.04 -5.61
CA CYS A 383 5.13 -35.22 -6.67
C CYS A 383 6.65 -35.21 -6.61
N SER A 384 7.29 -35.28 -7.79
CA SER A 384 8.73 -35.06 -7.87
C SER A 384 8.98 -33.59 -7.63
N HIS A 385 10.09 -33.27 -6.99
CA HIS A 385 10.35 -31.91 -6.55
C HIS A 385 10.47 -30.98 -7.74
N ALA A 386 10.02 -29.75 -7.58
CA ALA A 386 10.22 -28.74 -8.59
C ALA A 386 11.70 -28.64 -8.96
N PRO A 387 12.01 -28.53 -10.26
CA PRO A 387 13.41 -28.59 -10.70
C PRO A 387 14.25 -27.41 -10.22
N LEU A 388 15.56 -27.59 -10.21
CA LEU A 388 16.46 -26.61 -9.61
C LEU A 388 16.38 -25.26 -10.35
N TRP A 389 16.39 -25.31 -11.67
CA TRP A 389 16.28 -24.09 -12.49
C TRP A 389 15.02 -23.28 -12.15
N LEU A 390 13.91 -23.95 -11.84
CA LEU A 390 12.67 -23.27 -11.50
C LEU A 390 12.73 -22.67 -10.11
N MET A 391 13.38 -23.35 -9.21
CA MET A 391 13.48 -22.79 -7.92
C MET A 391 14.17 -21.47 -8.09
N TYR A 392 15.37 -21.51 -8.65
CA TYR A 392 16.21 -20.32 -8.73
C TYR A 392 15.58 -19.20 -9.58
N LEU A 393 14.74 -19.58 -10.54
CA LEU A 393 13.98 -18.56 -11.26
C LEU A 393 13.00 -17.86 -10.32
N ALA A 394 12.35 -18.64 -9.45
CA ALA A 394 11.40 -18.08 -8.48
C ALA A 394 12.08 -17.22 -7.40
N ILE A 395 13.29 -17.64 -7.00
CA ILE A 395 14.11 -16.87 -6.07
C ILE A 395 14.49 -15.53 -6.70
N VAL A 396 14.97 -15.59 -7.93
CA VAL A 396 15.34 -14.37 -8.67
C VAL A 396 14.11 -13.45 -8.80
N LEU A 397 12.97 -14.04 -9.13
CA LEU A 397 11.74 -13.26 -9.27
C LEU A 397 11.37 -12.54 -7.96
N SER A 398 11.46 -13.23 -6.82
CA SER A 398 11.15 -12.60 -5.53
C SER A 398 12.09 -11.44 -5.22
N HIS A 399 13.34 -11.54 -5.68
CA HIS A 399 14.32 -10.47 -5.47
C HIS A 399 14.07 -9.24 -6.34
N THR A 400 13.54 -9.46 -7.53
CA THR A 400 13.28 -8.33 -8.43
C THR A 400 12.20 -7.39 -7.92
N ASN A 401 11.39 -7.84 -6.97
CA ASN A 401 10.32 -7.01 -6.42
C ASN A 401 10.86 -5.81 -5.66
N SER A 402 12.17 -5.81 -5.41
CA SER A 402 12.81 -4.71 -4.69
C SER A 402 13.50 -3.77 -5.68
N VAL A 403 12.89 -3.64 -6.86
CA VAL A 403 13.45 -2.78 -7.91
C VAL A 403 12.35 -2.11 -8.72
N VAL A 404 11.15 -2.69 -8.66
CA VAL A 404 10.00 -2.15 -9.39
C VAL A 404 9.32 -1.01 -8.64
N ASN A 405 9.51 -0.96 -7.33
CA ASN A 405 8.91 0.07 -6.50
C ASN A 405 9.19 1.47 -7.03
N PRO A 406 10.44 1.90 -6.95
CA PRO A 406 10.85 3.24 -7.42
C PRO A 406 10.31 3.59 -8.82
N PHE A 407 10.11 2.59 -9.67
CA PHE A 407 9.52 2.83 -10.98
C PHE A 407 8.04 3.18 -10.88
N ILE A 408 7.33 2.49 -9.98
CA ILE A 408 5.90 2.75 -9.74
C ILE A 408 5.74 4.18 -9.23
N TYR A 409 6.61 4.60 -8.32
CA TYR A 409 6.55 5.95 -7.76
C TYR A 409 6.65 7.01 -8.85
N ALA A 410 7.83 7.16 -9.40
CA ALA A 410 8.11 8.11 -10.47
C ALA A 410 7.10 8.07 -11.58
N TYR A 411 6.44 6.93 -11.76
CA TYR A 411 5.45 6.77 -12.82
C TYR A 411 4.08 7.25 -12.37
N ARG A 412 3.63 6.74 -11.23
CA ARG A 412 2.34 7.10 -10.69
C ARG A 412 2.13 8.37 -9.85
N ILE A 413 3.19 8.77 -9.18
CA ILE A 413 3.12 9.95 -8.33
C ILE A 413 3.97 11.13 -8.80
N ARG A 414 3.31 12.23 -9.15
CA ARG A 414 3.96 13.38 -9.74
C ARG A 414 5.06 13.96 -8.84
N GLU A 415 4.76 14.09 -7.55
CA GLU A 415 5.71 14.69 -6.61
C GLU A 415 7.02 13.92 -6.53
N PHE A 416 6.95 12.59 -6.63
CA PHE A 416 8.16 11.76 -6.67
C PHE A 416 8.91 11.94 -7.99
N ARG A 417 8.18 11.86 -9.10
CA ARG A 417 8.75 12.01 -10.43
C ARG A 417 9.52 13.31 -10.57
N GLN A 418 8.91 14.42 -10.16
CA GLN A 418 9.54 15.74 -10.26
C GLN A 418 10.80 15.83 -9.37
N THR A 419 10.74 15.21 -8.19
CA THR A 419 11.90 15.18 -7.29
C THR A 419 13.08 14.35 -7.78
N PHE A 420 12.78 13.25 -8.46
CA PHE A 420 13.80 12.41 -9.04
C PHE A 420 14.42 13.17 -10.21
N ARG A 421 13.58 13.87 -10.97
CA ARG A 421 14.05 14.66 -12.10
C ARG A 421 15.12 15.62 -11.61
N LYS A 422 14.78 16.41 -10.60
CA LYS A 422 15.73 17.37 -10.02
C LYS A 422 17.03 16.73 -9.50
N ILE A 423 16.89 15.62 -8.79
CA ILE A 423 18.06 14.93 -8.23
C ILE A 423 18.97 14.44 -9.37
N ILE A 424 18.36 13.83 -10.38
CA ILE A 424 19.13 13.27 -11.48
C ILE A 424 19.84 14.35 -12.29
N ARG A 425 19.11 15.40 -12.64
CA ARG A 425 19.65 16.51 -13.42
C ARG A 425 20.70 17.31 -12.67
N SER A 426 20.50 17.53 -11.37
CA SER A 426 21.48 18.30 -10.62
C SER A 426 22.65 17.41 -10.23
N HIS A 427 22.41 16.46 -9.35
CA HIS A 427 23.47 15.55 -8.93
C HIS A 427 23.74 14.41 -9.89
N VAL A 428 24.99 14.22 -10.24
CA VAL A 428 26.10 15.02 -9.74
C VAL A 428 26.55 15.95 -10.87
N LEU A 429 25.83 15.91 -11.98
CA LEU A 429 26.14 16.75 -13.14
C LEU A 429 26.63 18.13 -12.70
C1 ZMA B . 17.91 -26.55 -2.84
C2 ZMA B . 18.07 -27.91 -3.03
C3 ZMA B . 17.15 -28.63 -3.76
O4 ZMA B . 17.31 -29.97 -3.95
C5 ZMA B . 16.05 -27.98 -4.33
C6 ZMA B . 15.89 -26.61 -4.14
C7 ZMA B . 16.81 -25.89 -3.39
C8 ZMA B . 16.63 -24.41 -3.20
C9 ZMA B . 17.04 -24.03 -1.78
N10 ZMA B . 16.70 -22.66 -1.46
C11 ZMA B . 15.43 -22.32 -1.19
N12 ZMA B . 15.13 -21.05 -0.81
N13 ZMA B . 14.43 -23.24 -1.28
C14 ZMA B . 13.14 -22.92 -1.01
N15 ZMA B . 12.16 -23.85 -1.11
N16 ZMA B . 12.85 -21.66 -0.64
N17 ZMA B . 11.58 -21.17 -0.33
C18 ZMA B . 13.82 -20.77 -0.55
N19 ZMA B . 13.27 -19.59 -0.16
C20 ZMA B . 11.94 -19.89 -0.05
C21 ZMA B . 10.95 -18.86 0.37
C22 ZMA B . 11.29 -17.57 0.68
C23 ZMA B . 10.09 -16.98 1.00
C24 ZMA B . 9.08 -17.93 0.88
O25 ZMA B . 9.62 -19.14 0.47
C1 CLR C . -2.24 -30.20 -2.73
C2 CLR C . -1.54 -31.54 -2.84
C3 CLR C . -1.84 -32.20 -4.18
C4 CLR C . -1.30 -31.32 -5.29
C5 CLR C . -1.80 -29.91 -5.15
C6 CLR C . -2.27 -29.29 -6.25
C7 CLR C . -2.93 -27.92 -6.23
C8 CLR C . -2.46 -27.13 -5.01
C9 CLR C . -2.63 -27.97 -3.75
C10 CLR C . -1.75 -29.23 -3.80
C11 CLR C . -2.37 -27.18 -2.46
C12 CLR C . -3.07 -25.82 -2.41
C13 CLR C . -2.72 -25.06 -3.66
C14 CLR C . -3.25 -25.84 -4.84
C15 CLR C . -3.25 -24.86 -6.00
C16 CLR C . -3.49 -23.50 -5.35
C17 CLR C . -3.40 -23.70 -3.83
C18 CLR C . -1.21 -24.90 -3.75
C19 CLR C . -0.31 -28.84 -3.52
C20 CLR C . -2.69 -22.55 -3.13
C21 CLR C . -2.67 -22.76 -1.63
C22 CLR C . -3.33 -21.21 -3.49
C23 CLR C . -2.74 -20.08 -2.66
C24 CLR C . -2.91 -18.74 -3.36
C25 CLR C . -3.98 -17.90 -2.67
C26 CLR C . -4.28 -16.64 -3.48
C27 CLR C . -5.24 -18.71 -2.44
O1 CLR C . -1.24 -33.49 -4.24
C1 CLR D . 5.80 -28.58 -8.58
C2 CLR D . 6.54 -29.90 -8.61
C3 CLR D . 5.69 -30.99 -9.25
C4 CLR D . 5.40 -30.61 -10.68
C5 CLR D . 4.80 -29.22 -10.77
C6 CLR D . 3.72 -29.04 -11.54
C7 CLR D . 2.97 -27.72 -11.62
C8 CLR D . 3.86 -26.56 -11.21
C9 CLR D . 4.55 -26.87 -9.87
C10 CLR D . 5.46 -28.09 -9.99
C11 CLR D . 5.31 -25.67 -9.30
C12 CLR D . 4.53 -24.37 -9.31
C13 CLR D . 4.02 -24.13 -10.72
C14 CLR D . 3.09 -25.26 -11.08
C15 CLR D . 2.30 -24.78 -12.27
C16 CLR D . 2.22 -23.27 -12.10
C17 CLR D . 3.13 -22.90 -10.92
C18 CLR D . 5.20 -24.09 -11.69
C19 CLR D . 6.74 -27.70 -10.72
C20 CLR D . 3.89 -21.61 -11.17
C21 CLR D . 4.72 -21.22 -9.94
C22 CLR D . 2.96 -20.49 -11.57
C23 CLR D . 2.17 -19.96 -10.37
C24 CLR D . 0.91 -19.25 -10.82
C25 CLR D . 0.96 -17.77 -10.46
C26 CLR D . 0.70 -17.55 -8.98
C27 CLR D . 2.30 -17.16 -10.87
O1 CLR D . 6.39 -32.24 -9.21
C1 CLR E . 30.23 -18.22 9.36
C2 CLR E . 30.32 -19.73 9.22
C3 CLR E . 29.96 -20.40 10.54
C4 CLR E . 28.51 -20.08 10.88
C5 CLR E . 28.29 -18.58 10.87
C6 CLR E . 27.62 -18.03 11.89
C7 CLR E . 27.43 -16.53 12.05
C8 CLR E . 27.56 -15.83 10.71
C9 CLR E . 28.84 -16.27 10.01
C10 CLR E . 28.82 -17.76 9.69
C11 CLR E . 29.14 -15.46 8.74
C12 CLR E . 29.01 -13.95 8.92
C13 CLR E . 27.65 -13.65 9.50
C14 CLR E . 27.58 -14.32 10.86
C15 CLR E . 26.41 -13.66 11.57
C16 CLR E . 26.38 -12.23 11.00
C17 CLR E . 27.37 -12.19 9.84
C18 CLR E . 26.57 -14.21 8.59
C19 CLR E . 27.90 -18.03 8.51
C20 CLR E . 26.86 -11.37 8.67
C21 CLR E . 27.77 -11.49 7.46
C22 CLR E . 26.66 -9.91 9.06
C23 CLR E . 26.35 -9.05 7.85
C24 CLR E . 27.27 -7.84 7.78
C25 CLR E . 26.73 -6.69 8.62
C26 CLR E . 25.49 -6.07 7.98
C27 CLR E . 26.43 -7.15 10.05
O1 CLR E . 30.11 -21.82 10.42
C9 OLC F . 19.91 -3.77 9.07
C8 OLC F . 18.55 -4.41 8.85
C24 OLC F . 12.64 6.90 9.33
C7 OLC F . 17.46 -3.43 9.28
C6 OLC F . 17.60 -2.11 8.54
C5 OLC F . 17.60 -0.94 9.53
C4 OLC F . 16.64 0.16 9.07
C3 OLC F . 15.52 0.36 10.07
C2 OLC F . 14.30 0.97 9.39
C21 OLC F . 13.87 4.74 9.17
C1 OLC F . 14.63 2.38 8.94
C22 OLC F . 12.61 5.42 9.69
O19 OLC F . 15.76 2.68 8.64
O25 OLC F . 11.31 7.35 9.02
O23 OLC F . 11.45 4.82 9.09
O20 OLC F . 13.58 3.39 8.85
C10 OLC G . 16.22 -11.96 -16.33
C9 OLC G . 16.63 -13.16 -16.73
C11 OLC G . 15.37 -11.83 -15.09
C8 OLC G . 16.25 -14.40 -15.97
C24 OLC G . 22.86 -24.39 -10.63
C7 OLC G . 17.07 -15.58 -16.48
C6 OLC G . 17.99 -16.12 -15.40
C5 OLC G . 17.31 -17.18 -14.56
C4 OLC G . 18.27 -17.79 -13.56
C3 OLC G . 18.50 -19.26 -13.86
C2 OLC G . 19.25 -19.89 -12.70
C21 OLC G . 21.34 -23.02 -12.12
C1 OLC G . 19.88 -21.21 -13.08
C22 OLC G . 21.48 -23.77 -10.80
O19 OLC G . 20.11 -21.47 -14.24
O25 OLC G . 23.29 -24.14 -9.28
O23 OLC G . 21.32 -22.86 -9.72
O20 OLC G . 20.19 -22.18 -12.05
C1 OLA H . 31.36 -16.14 -11.98
O1 OLA H . 32.16 -17.08 -12.19
O2 OLA H . 30.22 -16.31 -11.49
C2 OLA H . 31.78 -14.74 -12.33
C3 OLA H . 30.55 -13.90 -12.65
C4 OLA H . 30.49 -12.64 -11.79
C5 OLA H . 30.72 -11.39 -12.62
C6 OLA H . 29.93 -10.22 -12.06
C7 OLA H . 29.53 -9.25 -13.17
#